data_7TYQ
#
_entry.id   7TYQ
#
_cell.length_a   114.854
_cell.length_b   61.183
_cell.length_c   79.951
_cell.angle_alpha   90.000
_cell.angle_beta   111.608
_cell.angle_gamma   90.000
#
_symmetry.space_group_name_H-M   'C 1 2 1'
#
loop_
_entity.id
_entity.type
_entity.pdbx_description
1 polymer 'Transcriptional enhancer factor TEF-4'
2 non-polymer 'ethyl (8S)-7-oxo-5-[4-(trifluoromethyl)phenyl]-4,7-dihydropyrazolo[1,5-a]pyrimidine-3-carboxylate'
3 water water
#
_entity_poly.entity_id   1
_entity_poly.type   'polypeptide(L)'
_entity_poly.pdbx_seq_one_letter_code
;AWQARGLGTARLQLVEFSAFVEPPDAVDSYQRHLFVHISQHCPSPGAPPLESVDVRQIYDKFPEKKGGLRELYDRGPPHA
FFLVKFWADLNWGPSGEEAGAGGSISSGGFYGVSSQYESLEHMTLTCSSKVCSFGKQVVEKVETERAQLEDGRFVYRLLR
SPMCEYLVNFLHKLRQLPERYMMNSVLENFTILQVVTNRDTQELLLCTAYVFEVSTSERGAQHHIYRLVRD
;
_entity_poly.pdbx_strand_id   A,B
#
loop_
_chem_comp.id
_chem_comp.type
_chem_comp.name
_chem_comp.formula
KUI non-polymer 'ethyl (8S)-7-oxo-5-[4-(trifluoromethyl)phenyl]-4,7-dihydropyrazolo[1,5-a]pyrimidine-3-carboxylate' 'C16 H12 F3 N3 O3'
#
# COMPACT_ATOMS: atom_id res chain seq x y z
N ALA A 4 -27.88 -6.13 -7.93
CA ALA A 4 -26.96 -6.26 -6.80
C ALA A 4 -27.68 -6.08 -5.46
N ARG A 5 -27.56 -7.08 -4.58
CA ARG A 5 -28.22 -7.06 -3.29
C ARG A 5 -27.23 -6.92 -2.12
N GLY A 6 -25.93 -6.83 -2.39
CA GLY A 6 -24.94 -6.63 -1.36
C GLY A 6 -23.67 -6.06 -1.96
N LEU A 7 -22.68 -5.83 -1.12
CA LEU A 7 -21.39 -5.31 -1.60
C LEU A 7 -20.64 -6.46 -2.25
N GLY A 8 -20.62 -6.48 -3.56
CA GLY A 8 -19.99 -7.55 -4.30
C GLY A 8 -20.67 -7.75 -5.62
N THR A 9 -19.98 -8.47 -6.50
CA THR A 9 -20.51 -8.74 -7.83
C THR A 9 -20.64 -10.25 -8.02
N ALA A 10 -20.89 -10.61 -9.27
CA ALA A 10 -20.97 -12.00 -9.68
C ALA A 10 -19.64 -12.73 -9.43
N ARG A 11 -18.52 -12.02 -9.53
CA ARG A 11 -17.20 -12.64 -9.46
C ARG A 11 -16.56 -12.57 -8.09
N LEU A 12 -16.96 -11.63 -7.24
CA LEU A 12 -16.25 -11.40 -5.98
C LEU A 12 -17.20 -10.73 -5.00
N GLN A 13 -17.35 -11.34 -3.83
CA GLN A 13 -18.23 -10.81 -2.79
C GLN A 13 -17.40 -10.44 -1.57
N LEU A 14 -17.67 -9.27 -1.00
CA LEU A 14 -17.07 -8.88 0.27
C LEU A 14 -17.83 -9.56 1.40
N VAL A 15 -17.12 -10.34 2.22
CA VAL A 15 -17.75 -11.09 3.30
C VAL A 15 -17.67 -10.35 4.62
N GLU A 16 -16.54 -9.70 4.90
CA GLU A 16 -16.40 -8.95 6.13
C GLU A 16 -15.32 -7.90 5.97
N PHE A 17 -15.55 -6.73 6.56
CA PHE A 17 -14.52 -5.71 6.75
C PHE A 17 -14.72 -5.09 8.12
N SER A 18 -13.63 -4.85 8.84
CA SER A 18 -13.73 -4.20 10.14
CA SER A 18 -13.72 -4.24 10.16
C SER A 18 -12.44 -3.46 10.44
N ALA A 19 -12.59 -2.32 11.11
CA ALA A 19 -11.49 -1.53 11.63
C ALA A 19 -11.69 -1.44 13.12
N PHE A 20 -10.68 -1.85 13.89
CA PHE A 20 -10.93 -2.09 15.30
C PHE A 20 -9.70 -1.72 16.13
N VAL A 21 -9.90 -1.69 17.44
CA VAL A 21 -8.81 -1.57 18.40
C VAL A 21 -9.07 -2.57 19.54
N GLU A 22 -8.02 -3.29 19.92
CA GLU A 22 -8.07 -4.17 21.09
C GLU A 22 -7.32 -3.50 22.22
N PRO A 23 -7.96 -3.16 23.35
CA PRO A 23 -7.23 -2.51 24.43
C PRO A 23 -6.19 -3.45 25.02
N PRO A 24 -5.14 -2.90 25.64
CA PRO A 24 -4.01 -3.75 26.09
C PRO A 24 -4.43 -4.83 27.07
N ASP A 25 -5.50 -4.60 27.82
CA ASP A 25 -6.00 -5.56 28.80
C ASP A 25 -6.88 -6.64 28.18
N ALA A 26 -6.96 -6.71 26.85
CA ALA A 26 -7.72 -7.77 26.20
C ALA A 26 -7.08 -9.14 26.41
N VAL A 27 -5.80 -9.18 26.76
CA VAL A 27 -5.15 -10.45 27.09
C VAL A 27 -5.73 -11.00 28.39
N ASP A 28 -6.02 -10.13 29.35
CA ASP A 28 -6.67 -10.59 30.57
C ASP A 28 -8.10 -11.02 30.32
N SER A 29 -8.85 -10.22 29.56
CA SER A 29 -10.25 -10.54 29.24
C SER A 29 -10.59 -9.86 27.92
N TYR A 30 -10.83 -10.66 26.88
CA TYR A 30 -10.82 -10.15 25.52
C TYR A 30 -11.95 -9.17 25.24
N GLN A 31 -11.62 -8.10 24.53
CA GLN A 31 -12.60 -7.17 23.99
C GLN A 31 -11.98 -6.42 22.84
N ARG A 32 -12.83 -5.88 21.97
CA ARG A 32 -12.36 -5.03 20.89
C ARG A 32 -13.45 -4.03 20.55
N HIS A 33 -13.03 -2.83 20.18
CA HIS A 33 -13.95 -1.79 19.76
C HIS A 33 -13.91 -1.69 18.24
N LEU A 34 -15.07 -1.82 17.60
CA LEU A 34 -15.18 -1.69 16.16
C LEU A 34 -15.48 -0.23 15.80
N PHE A 35 -14.54 0.40 15.09
CA PHE A 35 -14.79 1.74 14.55
C PHE A 35 -15.81 1.67 13.42
N VAL A 36 -15.58 0.76 12.47
CA VAL A 36 -16.48 0.51 11.35
C VAL A 36 -16.47 -1.00 11.12
N HIS A 37 -17.56 -1.51 10.56
CA HIS A 37 -17.73 -2.95 10.43
C HIS A 37 -18.76 -3.24 9.36
N ILE A 38 -18.41 -4.12 8.42
CA ILE A 38 -19.36 -4.68 7.47
C ILE A 38 -19.29 -6.20 7.58
N SER A 39 -20.42 -6.83 7.86
CA SER A 39 -20.53 -8.28 7.96
C SER A 39 -21.61 -8.75 7.00
N GLN A 40 -21.22 -9.61 6.05
CA GLN A 40 -22.17 -10.17 5.10
C GLN A 40 -22.16 -11.70 5.12
N HIS A 41 -21.86 -12.29 6.28
CA HIS A 41 -21.98 -13.73 6.46
C HIS A 41 -23.44 -14.16 6.36
N PRO A 48 -34.22 -7.87 -2.19
CA PRO A 48 -34.36 -6.43 -2.43
C PRO A 48 -33.03 -5.78 -2.82
N PRO A 49 -32.98 -5.19 -4.03
CA PRO A 49 -31.74 -4.56 -4.48
C PRO A 49 -31.37 -3.36 -3.61
N LEU A 50 -30.08 -3.06 -3.57
CA LEU A 50 -29.58 -1.91 -2.84
C LEU A 50 -30.03 -0.62 -3.51
N GLU A 51 -30.17 0.43 -2.72
CA GLU A 51 -30.41 1.75 -3.27
C GLU A 51 -29.23 2.17 -4.14
N SER A 52 -29.50 3.06 -5.09
CA SER A 52 -28.46 3.58 -5.96
C SER A 52 -28.13 5.01 -5.56
N VAL A 53 -26.93 5.45 -5.96
CA VAL A 53 -26.51 6.83 -5.83
C VAL A 53 -25.85 7.24 -7.13
N ASP A 54 -26.29 8.37 -7.69
CA ASP A 54 -25.64 8.85 -8.91
C ASP A 54 -24.21 9.24 -8.59
N VAL A 55 -23.28 8.75 -9.41
CA VAL A 55 -21.87 8.94 -9.13
C VAL A 55 -21.47 10.41 -9.19
N ARG A 56 -22.23 11.25 -9.91
CA ARG A 56 -21.88 12.66 -10.00
C ARG A 56 -21.93 13.35 -8.64
N GLN A 57 -22.70 12.81 -7.70
CA GLN A 57 -22.87 13.45 -6.40
C GLN A 57 -21.65 13.32 -5.51
N ILE A 58 -20.80 12.33 -5.76
CA ILE A 58 -19.59 12.13 -4.96
C ILE A 58 -18.33 12.44 -5.74
N TYR A 59 -18.46 12.99 -6.95
CA TYR A 59 -17.28 13.25 -7.79
C TYR A 59 -16.30 14.20 -7.13
N ASP A 60 -16.79 15.18 -6.37
CA ASP A 60 -15.89 16.16 -5.78
C ASP A 60 -15.09 15.56 -4.62
N LYS A 61 -15.72 14.67 -3.84
CA LYS A 61 -15.04 14.05 -2.71
C LYS A 61 -13.87 13.18 -3.13
N PHE A 62 -13.79 12.82 -4.41
CA PHE A 62 -12.71 11.98 -4.91
C PHE A 62 -12.05 12.71 -6.07
N PRO A 63 -10.76 13.04 -5.98
CA PRO A 63 -10.12 13.85 -7.02
C PRO A 63 -10.18 13.15 -8.38
N GLU A 64 -10.37 13.96 -9.42
CA GLU A 64 -10.19 13.45 -10.79
C GLU A 64 -8.82 12.80 -10.91
N LYS A 65 -7.76 13.59 -10.71
CA LYS A 65 -6.39 13.10 -10.53
C LYS A 65 -6.07 12.15 -11.68
N LYS A 66 -5.48 10.98 -11.41
CA LYS A 66 -5.32 9.92 -12.40
C LYS A 66 -5.88 8.65 -11.82
N GLY A 67 -6.59 7.89 -12.65
CA GLY A 67 -7.20 6.65 -12.17
C GLY A 67 -8.08 6.85 -10.95
N GLY A 68 -8.84 7.93 -10.91
CA GLY A 68 -9.76 8.20 -9.83
C GLY A 68 -11.10 7.54 -10.06
N LEU A 69 -12.03 7.84 -9.16
CA LEU A 69 -13.38 7.26 -9.25
C LEU A 69 -14.00 7.54 -10.61
N ARG A 70 -13.87 8.76 -11.11
CA ARG A 70 -14.45 9.11 -12.41
C ARG A 70 -13.84 8.27 -13.52
N GLU A 71 -12.51 8.18 -13.56
CA GLU A 71 -11.83 7.45 -14.62
C GLU A 71 -12.15 5.96 -14.55
N LEU A 72 -12.02 5.37 -13.37
CA LEU A 72 -12.33 3.94 -13.22
C LEU A 72 -13.78 3.65 -13.59
N TYR A 73 -14.71 4.50 -13.15
CA TYR A 73 -16.12 4.26 -13.44
C TYR A 73 -16.38 4.28 -14.93
N ASP A 74 -15.68 5.15 -15.67
CA ASP A 74 -15.84 5.19 -17.12
C ASP A 74 -15.40 3.87 -17.74
N ARG A 75 -14.27 3.32 -17.30
CA ARG A 75 -13.80 2.04 -17.81
C ARG A 75 -14.79 0.92 -17.47
N GLY A 76 -15.38 0.96 -16.28
CA GLY A 76 -16.41 0.01 -15.91
C GLY A 76 -15.86 -1.34 -15.49
N PRO A 77 -16.74 -2.34 -15.36
CA PRO A 77 -18.19 -2.29 -15.53
C PRO A 77 -18.90 -1.64 -14.34
N PRO A 78 -20.05 -0.99 -14.58
CA PRO A 78 -20.69 -0.23 -13.49
C PRO A 78 -21.18 -1.10 -12.35
N HIS A 79 -21.52 -2.36 -12.61
CA HIS A 79 -22.01 -3.21 -11.53
C HIS A 79 -20.94 -3.55 -10.51
N ALA A 80 -19.69 -3.13 -10.73
CA ALA A 80 -18.60 -3.39 -9.81
C ALA A 80 -18.33 -2.23 -8.85
N PHE A 81 -19.09 -1.14 -8.95
CA PHE A 81 -18.81 0.09 -8.23
C PHE A 81 -19.84 0.30 -7.13
N PHE A 82 -19.35 0.56 -5.91
CA PHE A 82 -20.23 0.71 -4.76
C PHE A 82 -19.81 1.92 -3.94
N LEU A 83 -20.78 2.48 -3.22
CA LEU A 83 -20.55 3.55 -2.25
C LEU A 83 -20.99 3.05 -0.88
N VAL A 84 -20.09 3.12 0.09
CA VAL A 84 -20.40 2.73 1.45
C VAL A 84 -20.34 3.97 2.31
N LYS A 85 -21.44 4.26 2.99
CA LYS A 85 -21.50 5.35 3.96
C LYS A 85 -21.35 4.74 5.35
N PHE A 86 -20.31 5.15 6.06
CA PHE A 86 -20.02 4.67 7.41
C PHE A 86 -20.40 5.72 8.43
N TRP A 87 -21.04 5.29 9.52
CA TRP A 87 -21.12 6.07 10.74
C TRP A 87 -20.15 5.44 11.73
N ALA A 88 -18.98 6.05 11.88
CA ALA A 88 -17.92 5.46 12.70
C ALA A 88 -18.20 5.66 14.18
N ASP A 89 -17.86 4.66 14.98
CA ASP A 89 -17.99 4.71 16.43
C ASP A 89 -16.65 5.15 17.00
N LEU A 90 -16.57 6.41 17.43
CA LEU A 90 -15.35 7.00 17.97
C LEU A 90 -15.41 7.14 19.48
N ASN A 91 -16.19 6.31 20.16
CA ASN A 91 -16.36 6.35 21.61
C ASN A 91 -15.71 5.09 22.17
N TRP A 92 -14.45 5.21 22.59
CA TRP A 92 -13.70 4.04 23.05
C TRP A 92 -12.60 4.34 24.07
N GLY A 108 -6.43 1.69 23.37
CA GLY A 108 -5.13 2.21 22.96
C GLY A 108 -4.10 1.12 22.79
N GLY A 109 -4.58 -0.08 22.44
CA GLY A 109 -3.70 -1.21 22.24
C GLY A 109 -3.38 -1.44 20.78
N PHE A 110 -3.93 -2.51 20.21
CA PHE A 110 -3.65 -2.89 18.83
C PHE A 110 -4.75 -2.36 17.92
N TYR A 111 -4.36 -1.55 16.94
CA TYR A 111 -5.27 -1.04 15.92
C TYR A 111 -5.10 -1.89 14.68
N GLY A 112 -6.20 -2.51 14.23
CA GLY A 112 -6.11 -3.49 13.16
C GLY A 112 -7.26 -3.33 12.18
N VAL A 113 -7.06 -3.94 11.01
CA VAL A 113 -8.06 -3.97 9.95
CA VAL A 113 -8.08 -3.98 9.97
C VAL A 113 -8.16 -5.41 9.45
N SER A 114 -9.38 -5.89 9.23
CA SER A 114 -9.60 -7.23 8.72
C SER A 114 -10.53 -7.19 7.50
N SER A 115 -10.20 -7.97 6.48
CA SER A 115 -11.01 -8.04 5.28
CA SER A 115 -11.03 -8.04 5.29
C SER A 115 -11.11 -9.49 4.81
N GLN A 116 -12.27 -9.86 4.30
CA GLN A 116 -12.48 -11.20 3.77
C GLN A 116 -13.37 -11.09 2.54
N TYR A 117 -12.94 -11.68 1.44
CA TYR A 117 -13.71 -11.75 0.20
C TYR A 117 -13.92 -13.21 -0.18
N GLU A 118 -14.91 -13.44 -1.04
CA GLU A 118 -15.25 -14.78 -1.50
C GLU A 118 -15.46 -14.75 -3.01
N SER A 119 -15.13 -15.87 -3.65
CA SER A 119 -15.33 -16.00 -5.09
C SER A 119 -15.48 -17.47 -5.43
N LEU A 120 -16.09 -17.72 -6.59
CA LEU A 120 -16.21 -19.08 -7.11
C LEU A 120 -15.06 -19.47 -8.00
N GLU A 121 -14.35 -18.52 -8.59
CA GLU A 121 -13.22 -18.80 -9.45
C GLU A 121 -11.91 -18.54 -8.71
N HIS A 122 -10.90 -19.31 -9.07
CA HIS A 122 -9.57 -19.18 -8.48
C HIS A 122 -8.89 -17.96 -9.09
N MET A 123 -8.56 -16.99 -8.25
CA MET A 123 -7.88 -15.78 -8.68
C MET A 123 -6.82 -15.41 -7.65
N THR A 124 -5.95 -14.49 -8.05
CA THR A 124 -5.04 -13.81 -7.14
C THR A 124 -5.43 -12.34 -7.15
N LEU A 125 -5.72 -11.79 -5.98
CA LEU A 125 -6.26 -10.44 -5.87
C LEU A 125 -5.16 -9.45 -5.48
N THR A 126 -5.29 -8.25 -6.02
CA THR A 126 -4.51 -7.08 -5.58
C THR A 126 -5.51 -6.08 -5.03
N CYS A 127 -5.42 -5.79 -3.74
CA CYS A 127 -6.32 -4.85 -3.09
CA CYS A 127 -6.32 -4.85 -3.09
C CYS A 127 -5.58 -3.55 -2.83
N SER A 128 -6.06 -2.48 -3.44
CA SER A 128 -5.47 -1.15 -3.30
C SER A 128 -6.42 -0.28 -2.51
N SER A 129 -5.92 0.34 -1.45
CA SER A 129 -6.70 1.24 -0.61
C SER A 129 -6.03 2.61 -0.62
N LYS A 130 -6.77 3.62 -1.06
CA LYS A 130 -6.25 4.99 -1.16
C LYS A 130 -7.03 5.87 -0.19
N VAL A 131 -6.31 6.53 0.71
CA VAL A 131 -6.91 7.46 1.66
C VAL A 131 -6.72 8.87 1.14
N CYS A 132 -7.80 9.63 1.06
CA CYS A 132 -7.78 10.99 0.55
C CYS A 132 -8.18 11.97 1.64
N SER A 133 -7.61 13.16 1.57
CA SER A 133 -7.98 14.27 2.45
C SER A 133 -8.20 15.50 1.59
N PHE A 134 -9.41 16.06 1.68
CA PHE A 134 -9.83 17.20 0.84
C PHE A 134 -9.70 16.86 -0.64
N GLY A 135 -10.11 15.64 -1.00
CA GLY A 135 -9.95 15.20 -2.37
C GLY A 135 -8.52 15.24 -2.88
N LYS A 136 -7.57 14.86 -2.03
CA LYS A 136 -6.18 14.71 -2.44
C LYS A 136 -5.63 13.46 -1.78
N GLN A 137 -5.01 12.59 -2.59
CA GLN A 137 -4.51 11.34 -2.05
C GLN A 137 -3.41 11.61 -1.04
N VAL A 138 -3.57 11.05 0.16
CA VAL A 138 -2.60 11.19 1.22
C VAL A 138 -1.73 9.96 1.36
N VAL A 139 -2.35 8.78 1.48
CA VAL A 139 -1.61 7.52 1.59
C VAL A 139 -2.28 6.46 0.72
N GLU A 140 -1.50 5.44 0.37
CA GLU A 140 -1.99 4.31 -0.43
C GLU A 140 -1.38 3.02 0.08
N LYS A 141 -2.21 1.98 0.21
CA LYS A 141 -1.78 0.67 0.70
C LYS A 141 -2.17 -0.38 -0.33
N VAL A 142 -1.22 -1.21 -0.73
CA VAL A 142 -1.42 -2.22 -1.78
C VAL A 142 -1.00 -3.57 -1.25
N GLU A 143 -1.88 -4.57 -1.38
CA GLU A 143 -1.57 -5.92 -0.92
C GLU A 143 -2.09 -6.94 -1.94
N THR A 144 -1.51 -8.13 -1.90
CA THR A 144 -1.85 -9.22 -2.80
C THR A 144 -2.27 -10.42 -1.98
N GLU A 145 -3.47 -10.94 -2.25
CA GLU A 145 -4.04 -12.06 -1.52
C GLU A 145 -4.32 -13.22 -2.47
N ARG A 146 -3.87 -14.41 -2.10
CA ARG A 146 -4.15 -15.60 -2.88
C ARG A 146 -5.29 -16.39 -2.25
N ALA A 147 -5.93 -17.22 -3.08
CA ALA A 147 -7.15 -17.91 -2.69
C ALA A 147 -6.86 -19.13 -1.82
N GLN A 148 -7.72 -19.38 -0.85
CA GLN A 148 -7.74 -20.62 -0.08
C GLN A 148 -9.05 -21.34 -0.39
N LEU A 149 -8.96 -22.51 -1.01
CA LEU A 149 -10.14 -23.26 -1.41
C LEU A 149 -10.80 -23.86 -0.18
N GLU A 150 -12.04 -23.44 0.08
CA GLU A 150 -12.76 -23.83 1.30
C GLU A 150 -14.20 -24.09 0.92
N ASP A 151 -14.61 -25.36 0.92
CA ASP A 151 -16.00 -25.76 0.74
C ASP A 151 -16.52 -25.36 -0.65
N GLY A 152 -15.72 -25.67 -1.67
CA GLY A 152 -16.09 -25.40 -3.05
C GLY A 152 -15.99 -23.96 -3.49
N ARG A 153 -15.77 -23.03 -2.58
CA ARG A 153 -15.54 -21.63 -2.91
C ARG A 153 -14.14 -21.23 -2.49
N PHE A 154 -13.66 -20.12 -3.03
CA PHE A 154 -12.35 -19.60 -2.69
C PHE A 154 -12.51 -18.40 -1.75
N VAL A 155 -11.73 -18.39 -0.68
CA VAL A 155 -11.78 -17.34 0.33
C VAL A 155 -10.44 -16.60 0.30
N TYR A 156 -10.51 -15.28 0.48
CA TYR A 156 -9.34 -14.41 0.52
C TYR A 156 -9.39 -13.69 1.87
N ARG A 157 -8.41 -13.96 2.73
CA ARG A 157 -8.37 -13.40 4.08
C ARG A 157 -7.16 -12.52 4.23
N LEU A 158 -7.37 -11.32 4.76
CA LEU A 158 -6.28 -10.50 5.29
C LEU A 158 -6.79 -10.00 6.64
N LEU A 159 -6.57 -10.80 7.67
CA LEU A 159 -7.09 -10.53 8.99
C LEU A 159 -6.03 -9.89 9.87
N ARG A 160 -6.50 -9.06 10.81
CA ARG A 160 -5.63 -8.47 11.84
C ARG A 160 -4.42 -7.75 11.23
N SER A 161 -4.59 -7.19 10.05
CA SER A 161 -3.54 -6.36 9.48
C SER A 161 -3.38 -5.09 10.32
N PRO A 162 -2.16 -4.64 10.58
CA PRO A 162 -1.97 -3.45 11.42
C PRO A 162 -2.48 -2.19 10.71
N MET A 163 -3.31 -1.42 11.41
CA MET A 163 -3.85 -0.20 10.82
C MET A 163 -2.73 0.76 10.50
N CYS A 164 -2.79 1.40 9.33
CA CYS A 164 -1.71 2.28 8.93
C CYS A 164 -1.60 3.44 9.92
N GLU A 165 -0.36 3.83 10.22
CA GLU A 165 -0.13 4.77 11.31
CA GLU A 165 -0.06 4.80 11.27
C GLU A 165 -0.78 6.12 11.04
N TYR A 166 -1.02 6.48 9.79
CA TYR A 166 -1.65 7.76 9.52
C TYR A 166 -3.06 7.79 10.10
N LEU A 167 -3.78 6.68 9.98
CA LEU A 167 -5.16 6.65 10.43
C LEU A 167 -5.27 6.41 11.94
N VAL A 168 -4.34 5.65 12.53
CA VAL A 168 -4.29 5.56 13.99
C VAL A 168 -4.08 6.95 14.59
N ASN A 169 -3.15 7.71 14.01
CA ASN A 169 -2.90 9.08 14.42
C ASN A 169 -4.15 9.94 14.23
N PHE A 170 -4.82 9.78 13.09
CA PHE A 170 -6.04 10.53 12.78
C PHE A 170 -7.13 10.26 13.81
N LEU A 171 -7.38 8.98 14.11
CA LEU A 171 -8.41 8.65 15.10
C LEU A 171 -8.12 9.29 16.45
N HIS A 172 -6.86 9.28 16.88
CA HIS A 172 -6.52 9.89 18.17
C HIS A 172 -6.82 11.38 18.16
N LYS A 173 -6.38 12.09 17.12
CA LYS A 173 -6.72 13.50 17.00
C LYS A 173 -8.22 13.70 16.91
N LEU A 174 -8.89 12.87 16.11
CA LEU A 174 -10.33 13.02 15.88
C LEU A 174 -11.11 12.92 17.18
N ARG A 175 -10.75 11.97 18.05
CA ARG A 175 -11.47 11.81 19.30
C ARG A 175 -11.24 12.96 20.27
N GLN A 176 -10.28 13.84 20.01
CA GLN A 176 -10.03 14.98 20.90
C GLN A 176 -10.97 16.14 20.63
N LEU A 177 -11.65 16.15 19.49
CA LEU A 177 -12.53 17.26 19.17
C LEU A 177 -13.67 17.33 20.20
N PRO A 178 -13.99 18.52 20.70
CA PRO A 178 -15.02 18.62 21.76
C PRO A 178 -16.45 18.48 21.27
N GLU A 179 -16.69 18.51 19.97
CA GLU A 179 -18.05 18.55 19.44
C GLU A 179 -18.21 17.58 18.29
N ARG A 180 -19.32 16.84 18.31
CA ARG A 180 -19.59 15.86 17.27
C ARG A 180 -19.67 16.52 15.90
N TYR A 181 -20.26 17.72 15.84
CA TYR A 181 -20.39 18.40 14.56
C TYR A 181 -19.04 18.83 14.01
N MET A 182 -18.04 19.02 14.87
CA MET A 182 -16.69 19.30 14.39
C MET A 182 -16.04 18.05 13.82
N MET A 183 -16.30 16.88 14.40
CA MET A 183 -15.80 15.65 13.84
C MET A 183 -16.41 15.40 12.47
N ASN A 184 -17.70 15.68 12.32
CA ASN A 184 -18.34 15.50 11.03
C ASN A 184 -17.81 16.49 10.01
N SER A 185 -17.53 17.72 10.44
CA SER A 185 -16.88 18.69 9.57
C SER A 185 -15.55 18.17 9.08
N VAL A 186 -14.74 17.61 9.98
CA VAL A 186 -13.44 17.07 9.60
C VAL A 186 -13.62 15.85 8.69
N LEU A 187 -14.52 14.95 9.06
CA LEU A 187 -14.72 13.74 8.26
C LEU A 187 -15.37 14.02 6.91
N GLU A 188 -15.93 15.21 6.71
CA GLU A 188 -16.50 15.55 5.41
C GLU A 188 -15.48 15.47 4.29
N ASN A 189 -14.21 15.77 4.60
CA ASN A 189 -13.15 15.84 3.60
C ASN A 189 -12.29 14.58 3.59
N PHE A 190 -12.80 13.48 4.16
CA PHE A 190 -12.03 12.26 4.36
C PHE A 190 -12.73 11.11 3.64
N THR A 191 -12.03 10.51 2.68
CA THR A 191 -12.61 9.42 1.90
C THR A 191 -11.57 8.33 1.69
N ILE A 192 -12.06 7.12 1.43
CA ILE A 192 -11.20 5.99 1.09
C ILE A 192 -11.72 5.37 -0.20
N LEU A 193 -10.82 5.07 -1.12
CA LEU A 193 -11.14 4.41 -2.38
C LEU A 193 -10.43 3.07 -2.42
N GLN A 194 -11.20 2.00 -2.54
CA GLN A 194 -10.67 0.63 -2.46
C GLN A 194 -10.92 -0.05 -3.80
N VAL A 195 -9.84 -0.51 -4.44
CA VAL A 195 -9.93 -1.15 -5.75
C VAL A 195 -9.34 -2.55 -5.65
N VAL A 196 -10.15 -3.55 -5.96
CA VAL A 196 -9.71 -4.95 -6.02
C VAL A 196 -9.62 -5.33 -7.48
N THR A 197 -8.44 -5.77 -7.89
CA THR A 197 -8.20 -6.16 -9.27
C THR A 197 -7.74 -7.61 -9.32
N ASN A 198 -8.07 -8.28 -10.42
CA ASN A 198 -7.52 -9.61 -10.70
C ASN A 198 -6.06 -9.42 -11.11
N ARG A 199 -5.14 -9.91 -10.27
CA ARG A 199 -3.73 -9.59 -10.48
C ARG A 199 -3.23 -10.12 -11.83
N ASP A 200 -3.72 -11.28 -12.24
CA ASP A 200 -3.17 -11.91 -13.45
C ASP A 200 -3.74 -11.31 -14.73
N THR A 201 -5.02 -10.94 -14.73
CA THR A 201 -5.66 -10.37 -15.92
C THR A 201 -5.86 -8.87 -15.82
N GLN A 202 -5.56 -8.26 -14.67
CA GLN A 202 -5.59 -6.81 -14.46
C GLN A 202 -6.98 -6.22 -14.53
N GLU A 203 -8.02 -7.01 -14.74
CA GLU A 203 -9.35 -6.45 -14.85
C GLU A 203 -9.91 -6.14 -13.46
N LEU A 204 -10.59 -5.01 -13.37
CA LEU A 204 -11.16 -4.59 -12.10
C LEU A 204 -12.27 -5.55 -11.69
N LEU A 205 -12.27 -5.94 -10.42
CA LEU A 205 -13.32 -6.79 -9.88
C LEU A 205 -14.29 -6.05 -8.98
N LEU A 206 -13.81 -5.06 -8.23
CA LEU A 206 -14.63 -4.37 -7.25
C LEU A 206 -14.01 -3.00 -7.00
N CYS A 207 -14.85 -1.97 -6.92
CA CYS A 207 -14.40 -0.64 -6.54
C CYS A 207 -15.41 -0.06 -5.58
N THR A 208 -14.97 0.22 -4.36
CA THR A 208 -15.82 0.76 -3.32
C THR A 208 -15.29 2.13 -2.90
N ALA A 209 -16.16 3.12 -2.89
CA ALA A 209 -15.88 4.44 -2.34
C ALA A 209 -16.52 4.55 -0.97
N TYR A 210 -15.74 5.00 0.02
CA TYR A 210 -16.18 5.08 1.41
C TYR A 210 -16.23 6.53 1.85
N VAL A 211 -17.36 6.95 2.44
CA VAL A 211 -17.52 8.26 3.04
C VAL A 211 -17.88 8.08 4.50
N PHE A 212 -17.66 9.12 5.31
CA PHE A 212 -17.65 8.94 6.75
C PHE A 212 -18.38 10.04 7.50
N GLU A 213 -19.14 9.62 8.53
CA GLU A 213 -19.64 10.49 9.59
C GLU A 213 -19.34 9.83 10.92
N VAL A 214 -19.56 10.54 12.03
CA VAL A 214 -19.38 9.98 13.35
CA VAL A 214 -19.39 10.00 13.37
C VAL A 214 -20.75 9.59 13.90
N SER A 215 -20.84 8.39 14.45
CA SER A 215 -22.06 7.96 15.10
C SER A 215 -22.20 8.65 16.44
N THR A 216 -23.44 8.93 16.84
CA THR A 216 -23.68 9.47 18.16
C THR A 216 -23.20 8.47 19.23
N SER A 217 -23.13 8.94 20.48
CA SER A 217 -22.44 8.19 21.52
C SER A 217 -23.08 6.83 21.77
N GLU A 218 -24.41 6.79 21.87
CA GLU A 218 -25.09 5.55 22.24
C GLU A 218 -25.14 4.52 21.12
N ARG A 219 -25.10 4.98 19.88
CA ARG A 219 -25.17 4.09 18.73
C ARG A 219 -23.77 3.65 18.34
N GLY A 220 -23.63 2.39 18.02
CA GLY A 220 -22.38 1.85 17.55
C GLY A 220 -22.20 2.16 16.09
N ALA A 221 -21.26 1.46 15.47
CA ALA A 221 -20.99 1.66 14.05
C ALA A 221 -22.18 1.23 13.22
N GLN A 222 -22.35 1.89 12.07
CA GLN A 222 -23.40 1.53 11.13
C GLN A 222 -22.91 1.84 9.72
N HIS A 223 -23.57 1.23 8.74
CA HIS A 223 -23.21 1.47 7.36
C HIS A 223 -24.45 1.40 6.50
N HIS A 224 -24.36 1.98 5.31
CA HIS A 224 -25.38 1.87 4.27
C HIS A 224 -24.64 1.70 2.95
N ILE A 225 -25.00 0.64 2.21
CA ILE A 225 -24.33 0.30 0.96
C ILE A 225 -25.22 0.72 -0.20
N TYR A 226 -24.61 1.32 -1.22
CA TYR A 226 -25.34 1.77 -2.41
C TYR A 226 -24.64 1.28 -3.66
N ARG A 227 -25.41 1.06 -4.72
CA ARG A 227 -24.84 0.88 -6.05
C ARG A 227 -24.55 2.23 -6.66
N LEU A 228 -23.42 2.36 -7.33
CA LEU A 228 -23.05 3.60 -8.02
C LEU A 228 -23.55 3.51 -9.45
N VAL A 229 -24.52 4.35 -9.80
CA VAL A 229 -25.10 4.38 -11.14
C VAL A 229 -24.87 5.76 -11.73
N ARG A 230 -24.91 5.83 -13.05
CA ARG A 230 -24.76 7.11 -13.76
C ARG A 230 -25.66 7.17 -14.98
N GLY B 6 27.92 -6.59 -4.10
CA GLY B 6 27.03 -7.62 -3.59
C GLY B 6 26.00 -7.11 -2.59
N LEU B 7 24.81 -6.78 -3.07
CA LEU B 7 23.72 -6.32 -2.22
C LEU B 7 23.00 -7.54 -1.68
N GLY B 8 23.39 -7.98 -0.49
CA GLY B 8 22.70 -9.08 0.14
C GLY B 8 23.56 -9.71 1.22
N THR B 9 23.04 -10.80 1.77
CA THR B 9 23.67 -11.58 2.81
C THR B 9 24.01 -12.97 2.26
N ALA B 10 24.43 -13.86 3.15
CA ALA B 10 24.65 -15.24 2.74
C ALA B 10 23.34 -15.96 2.45
N ARG B 11 22.23 -15.46 2.97
CA ARG B 11 20.94 -16.13 2.81
C ARG B 11 20.12 -15.58 1.66
N LEU B 12 20.32 -14.33 1.26
CA LEU B 12 19.52 -13.75 0.19
C LEU B 12 20.30 -12.62 -0.46
N GLN B 13 20.34 -12.62 -1.78
CA GLN B 13 20.98 -11.58 -2.55
C GLN B 13 19.98 -10.96 -3.50
N LEU B 14 20.01 -9.63 -3.60
CA LEU B 14 19.26 -8.91 -4.63
C LEU B 14 20.11 -8.89 -5.90
N VAL B 15 19.59 -9.50 -6.96
CA VAL B 15 20.34 -9.69 -8.19
C VAL B 15 19.97 -8.66 -9.24
N GLU B 16 18.70 -8.24 -9.29
CA GLU B 16 18.28 -7.28 -10.29
C GLU B 16 17.12 -6.45 -9.75
N PHE B 17 17.12 -5.17 -10.11
CA PHE B 17 15.98 -4.29 -9.86
C PHE B 17 15.96 -3.21 -10.92
N SER B 18 14.77 -2.94 -11.45
CA SER B 18 14.62 -1.86 -12.43
C SER B 18 13.26 -1.22 -12.25
N ALA B 19 13.21 0.09 -12.44
CA ALA B 19 11.99 0.85 -12.55
C ALA B 19 11.98 1.47 -13.94
N PHE B 20 10.91 1.29 -14.68
CA PHE B 20 10.95 1.54 -16.11
C PHE B 20 9.61 2.02 -16.62
N VAL B 21 9.64 2.64 -17.80
CA VAL B 21 8.45 2.93 -18.59
C VAL B 21 8.58 2.18 -19.91
N GLU B 22 7.54 1.44 -20.27
CA GLU B 22 7.55 0.55 -21.41
C GLU B 22 6.42 0.92 -22.38
N PRO B 23 6.71 1.08 -23.68
CA PRO B 23 5.67 1.38 -24.67
C PRO B 23 4.88 0.15 -25.10
N ARG B 32 12.13 -0.04 -24.00
CA ARG B 32 12.00 0.15 -22.56
C ARG B 32 12.99 1.20 -22.05
N HIS B 33 12.52 2.12 -21.21
CA HIS B 33 13.36 3.15 -20.61
C HIS B 33 13.50 2.89 -19.11
N LEU B 34 14.74 2.73 -18.66
CA LEU B 34 15.03 2.47 -17.25
C LEU B 34 15.23 3.79 -16.52
N PHE B 35 14.35 4.06 -15.54
CA PHE B 35 14.60 5.19 -14.64
C PHE B 35 15.78 4.90 -13.74
N VAL B 36 15.76 3.74 -13.09
CA VAL B 36 16.86 3.24 -12.28
C VAL B 36 16.99 1.75 -12.56
N HIS B 37 18.17 1.21 -12.27
CA HIS B 37 18.50 -0.15 -12.68
C HIS B 37 19.70 -0.63 -11.87
N ILE B 38 19.55 -1.79 -11.22
CA ILE B 38 20.66 -2.53 -10.63
C ILE B 38 20.76 -3.83 -11.40
N SER B 39 21.91 -4.06 -12.03
CA SER B 39 22.08 -5.13 -13.00
C SER B 39 22.54 -6.44 -12.36
N GLN B 40 22.24 -7.54 -13.06
CA GLN B 40 22.53 -8.89 -12.58
C GLN B 40 24.00 -9.24 -12.69
N LEU B 50 32.46 -3.22 -0.40
CA LEU B 50 31.55 -2.08 -0.42
C LEU B 50 31.93 -1.05 0.63
N GLU B 51 31.79 0.23 0.28
CA GLU B 51 31.91 1.29 1.26
C GLU B 51 30.78 1.18 2.29
N SER B 52 31.01 1.76 3.45
CA SER B 52 30.00 1.79 4.50
C SER B 52 29.53 3.22 4.72
N VAL B 53 28.35 3.34 5.32
CA VAL B 53 27.75 4.63 5.68
C VAL B 53 27.11 4.47 7.04
N ASP B 54 27.38 5.40 7.95
CA ASP B 54 26.73 5.33 9.25
C ASP B 54 25.28 5.74 9.09
N VAL B 55 24.39 4.89 9.61
CA VAL B 55 22.96 5.08 9.45
C VAL B 55 22.47 6.38 10.09
N ARG B 56 23.29 6.99 10.96
CA ARG B 56 22.93 8.29 11.52
C ARG B 56 22.89 9.37 10.43
N GLN B 57 23.63 9.18 9.35
CA GLN B 57 23.70 10.20 8.30
C GLN B 57 22.42 10.27 7.47
N ILE B 58 21.64 9.20 7.42
CA ILE B 58 20.42 9.17 6.62
C ILE B 58 19.17 9.19 7.47
N TYR B 59 19.30 9.21 8.80
CA TYR B 59 18.13 9.21 9.67
C TYR B 59 17.23 10.42 9.43
N ASP B 60 17.81 11.54 8.99
CA ASP B 60 17.00 12.72 8.73
C ASP B 60 16.10 12.51 7.52
N LYS B 61 16.61 11.83 6.48
CA LYS B 61 15.82 11.50 5.31
C LYS B 61 14.83 10.37 5.58
N PHE B 62 14.96 9.66 6.69
CA PHE B 62 14.05 8.55 7.00
C PHE B 62 13.31 8.83 8.29
N PRO B 63 12.00 9.10 8.21
CA PRO B 63 11.29 9.60 9.39
C PRO B 63 11.12 8.52 10.44
N GLU B 64 11.17 8.95 11.70
CA GLU B 64 10.84 8.05 12.80
C GLU B 64 9.39 7.60 12.64
N LYS B 65 9.19 6.30 12.52
CA LYS B 65 7.86 5.73 12.29
C LYS B 65 7.89 4.29 12.73
N LYS B 66 6.72 3.78 13.11
CA LYS B 66 6.59 2.35 13.38
C LYS B 66 6.95 1.58 12.12
N GLY B 67 7.90 0.66 12.25
CA GLY B 67 8.43 -0.03 11.09
C GLY B 67 9.40 0.78 10.25
N GLY B 68 9.96 1.86 10.81
CA GLY B 68 10.88 2.70 10.07
C GLY B 68 12.31 2.22 10.14
N LEU B 69 13.19 2.99 9.50
CA LEU B 69 14.58 2.58 9.36
C LEU B 69 15.24 2.42 10.72
N ARG B 70 15.14 3.44 11.57
CA ARG B 70 15.82 3.39 12.87
C ARG B 70 15.30 2.23 13.72
N GLU B 71 13.97 2.08 13.79
CA GLU B 71 13.41 0.98 14.57
C GLU B 71 13.88 -0.37 14.02
N LEU B 72 13.83 -0.53 12.69
CA LEU B 72 14.22 -1.81 12.10
C LEU B 72 15.71 -2.07 12.27
N TYR B 73 16.55 -1.03 12.15
CA TYR B 73 17.98 -1.24 12.32
C TYR B 73 18.30 -1.67 13.74
N ASP B 74 17.60 -1.09 14.73
CA ASP B 74 17.85 -1.45 16.12
C ASP B 74 17.56 -2.93 16.37
N ARG B 75 16.51 -3.47 15.75
CA ARG B 75 16.21 -4.89 15.90
C ARG B 75 17.26 -5.77 15.24
N GLY B 76 17.88 -5.29 14.17
CA GLY B 76 18.89 -6.06 13.48
C GLY B 76 18.29 -7.17 12.64
N PRO B 77 19.15 -8.04 12.07
CA PRO B 77 20.60 -8.03 12.23
C PRO B 77 21.27 -6.91 11.44
N PRO B 78 22.37 -6.37 11.94
CA PRO B 78 23.02 -5.24 11.24
C PRO B 78 23.51 -5.59 9.85
N HIS B 79 23.97 -6.82 9.62
CA HIS B 79 24.58 -7.17 8.34
C HIS B 79 23.57 -7.21 7.19
N ALA B 80 22.28 -7.08 7.48
CA ALA B 80 21.24 -7.14 6.46
C ALA B 80 20.84 -5.78 5.92
N PHE B 81 21.42 -4.70 6.42
CA PHE B 81 20.95 -3.35 6.12
C PHE B 81 21.87 -2.65 5.12
N PHE B 82 21.29 -2.15 4.03
CA PHE B 82 22.05 -1.52 2.97
C PHE B 82 21.46 -0.17 2.62
N LEU B 83 22.25 0.63 1.91
CA LEU B 83 21.84 1.91 1.33
C LEU B 83 22.23 1.92 -0.13
N VAL B 84 21.31 2.36 -0.99
CA VAL B 84 21.56 2.51 -2.41
C VAL B 84 21.25 3.94 -2.79
N LYS B 85 22.22 4.62 -3.40
CA LYS B 85 22.01 5.95 -3.96
C LYS B 85 21.75 5.80 -5.45
N PHE B 86 20.60 6.27 -5.91
CA PHE B 86 20.23 6.23 -7.31
C PHE B 86 20.38 7.61 -7.94
N TRP B 87 20.94 7.64 -9.13
CA TRP B 87 20.90 8.81 -10.00
C TRP B 87 19.97 8.43 -11.15
N ALA B 88 18.73 8.91 -11.10
CA ALA B 88 17.71 8.44 -12.01
C ALA B 88 17.79 9.15 -13.35
N ASP B 89 17.44 8.41 -14.41
CA ASP B 89 17.38 8.94 -15.77
C ASP B 89 15.92 9.25 -16.08
N LEU B 90 15.56 10.53 -16.12
CA LEU B 90 14.18 10.95 -16.31
C LEU B 90 13.95 11.67 -17.63
N ASN B 91 14.87 11.58 -18.59
CA ASN B 91 14.65 12.11 -19.94
C ASN B 91 14.21 10.96 -20.84
N TRP B 92 12.95 11.01 -21.27
CA TRP B 92 12.39 9.96 -22.12
C TRP B 92 11.18 10.47 -22.91
N GLY B 109 2.61 4.91 -21.87
CA GLY B 109 3.18 3.58 -21.79
C GLY B 109 2.78 2.82 -20.52
N PHE B 110 3.47 1.71 -20.26
CA PHE B 110 3.27 0.93 -19.05
C PHE B 110 4.39 1.26 -18.06
N TYR B 111 4.00 1.64 -16.84
CA TYR B 111 4.94 1.96 -15.77
C TYR B 111 5.08 0.75 -14.86
N GLY B 112 6.31 0.23 -14.72
CA GLY B 112 6.51 -1.03 -14.04
C GLY B 112 7.79 -1.06 -13.22
N VAL B 113 7.90 -2.13 -12.44
CA VAL B 113 9.05 -2.40 -11.59
C VAL B 113 9.31 -3.90 -11.65
N SER B 114 10.59 -4.27 -11.74
CA SER B 114 10.99 -5.67 -11.79
CA SER B 114 10.99 -5.67 -11.77
C SER B 114 12.11 -5.90 -10.77
N SER B 115 12.06 -7.06 -10.10
CA SER B 115 13.06 -7.44 -9.13
C SER B 115 13.29 -8.93 -9.19
N GLN B 116 14.50 -9.34 -8.86
CA GLN B 116 14.86 -10.76 -8.76
C GLN B 116 15.84 -10.94 -7.62
N TYR B 117 15.48 -11.79 -6.66
CA TYR B 117 16.37 -12.20 -5.59
C TYR B 117 16.82 -13.64 -5.84
N GLU B 118 17.85 -14.05 -5.09
CA GLU B 118 18.36 -15.41 -5.16
C GLU B 118 18.73 -15.88 -3.76
N SER B 119 18.72 -17.20 -3.58
CA SER B 119 19.10 -17.82 -2.32
C SER B 119 19.43 -19.28 -2.58
N LEU B 120 20.18 -19.87 -1.66
CA LEU B 120 20.43 -21.30 -1.70
C LEU B 120 19.42 -22.09 -0.88
N GLU B 121 18.68 -21.42 0.00
CA GLU B 121 17.66 -22.07 0.82
C GLU B 121 16.30 -21.83 0.18
N HIS B 122 15.42 -22.82 0.30
CA HIS B 122 14.07 -22.68 -0.21
C HIS B 122 13.23 -21.92 0.80
N MET B 123 12.78 -20.73 0.42
CA MET B 123 12.00 -19.88 1.30
C MET B 123 10.82 -19.30 0.53
N THR B 124 9.91 -18.70 1.29
CA THR B 124 8.89 -17.82 0.74
C THR B 124 9.15 -16.42 1.30
N LEU B 125 9.24 -15.44 0.41
CA LEU B 125 9.60 -14.08 0.79
C LEU B 125 8.36 -13.21 0.95
N THR B 126 8.38 -12.36 1.97
CA THR B 126 7.47 -11.24 2.10
C THR B 126 8.27 -9.98 1.81
N CYS B 127 7.91 -9.25 0.76
CA CYS B 127 8.62 -8.06 0.32
CA CYS B 127 8.62 -8.06 0.32
C CYS B 127 7.74 -6.84 0.59
N SER B 128 8.21 -5.97 1.47
CA SER B 128 7.49 -4.74 1.80
C SER B 128 8.26 -3.56 1.25
N SER B 129 7.55 -2.71 0.49
CA SER B 129 8.13 -1.52 -0.10
C SER B 129 7.35 -0.32 0.43
N LYS B 130 8.05 0.60 1.10
CA LYS B 130 7.44 1.80 1.66
C LYS B 130 8.03 3.00 0.94
N VAL B 131 7.18 3.78 0.30
CA VAL B 131 7.60 5.02 -0.36
C VAL B 131 7.29 6.18 0.58
N CYS B 132 8.30 6.99 0.88
CA CYS B 132 8.11 8.17 1.72
C CYS B 132 8.33 9.44 0.89
N SER B 133 7.57 10.48 1.23
CA SER B 133 7.77 11.80 0.68
C SER B 133 7.73 12.80 1.83
N PHE B 134 8.75 13.65 1.91
CA PHE B 134 8.80 14.73 2.91
C PHE B 134 8.61 14.19 4.32
N GLY B 135 9.31 13.10 4.63
CA GLY B 135 9.25 12.53 5.96
C GLY B 135 7.94 11.90 6.33
N LYS B 136 7.10 11.56 5.35
CA LYS B 136 5.84 10.89 5.60
C LYS B 136 5.73 9.71 4.65
N GLN B 137 5.35 8.54 5.18
CA GLN B 137 5.08 7.41 4.31
C GLN B 137 3.80 7.65 3.53
N VAL B 138 3.87 7.49 2.21
CA VAL B 138 2.72 7.75 1.35
C VAL B 138 2.24 6.51 0.61
N VAL B 139 3.09 5.51 0.42
CA VAL B 139 2.68 4.27 -0.24
C VAL B 139 3.28 3.11 0.53
N GLU B 140 2.50 2.06 0.72
CA GLU B 140 3.07 0.77 1.08
C GLU B 140 2.56 -0.29 0.12
N LYS B 141 3.46 -1.18 -0.27
CA LYS B 141 3.19 -2.23 -1.23
C LYS B 141 3.80 -3.50 -0.64
N VAL B 142 2.98 -4.54 -0.48
CA VAL B 142 3.40 -5.79 0.15
C VAL B 142 3.15 -6.92 -0.83
N GLU B 143 4.18 -7.70 -1.12
CA GLU B 143 4.06 -8.84 -2.03
C GLU B 143 4.70 -10.08 -1.43
N THR B 144 4.18 -11.23 -1.83
CA THR B 144 4.68 -12.53 -1.43
C THR B 144 5.19 -13.26 -2.66
N GLU B 145 6.41 -13.80 -2.57
CA GLU B 145 7.09 -14.41 -3.71
C GLU B 145 7.64 -15.77 -3.30
N ARG B 146 7.24 -16.81 -4.03
CA ARG B 146 7.66 -18.16 -3.72
C ARG B 146 8.93 -18.51 -4.50
N ALA B 147 9.76 -19.37 -3.90
CA ALA B 147 11.00 -19.78 -4.54
C ALA B 147 10.71 -20.62 -5.78
N GLN B 148 11.51 -20.40 -6.83
CA GLN B 148 11.47 -21.20 -8.04
C GLN B 148 12.87 -21.78 -8.27
N LEU B 149 12.93 -23.12 -8.37
CA LEU B 149 14.21 -23.78 -8.58
C LEU B 149 14.71 -23.54 -10.00
N GLU B 150 15.98 -23.16 -10.12
CA GLU B 150 16.54 -22.83 -11.42
C GLU B 150 18.06 -22.85 -11.35
N ASP B 151 18.69 -23.73 -12.12
CA ASP B 151 20.14 -23.79 -12.27
C ASP B 151 20.85 -23.92 -10.92
N GLY B 152 20.36 -24.83 -10.09
CA GLY B 152 21.02 -25.16 -8.84
C GLY B 152 20.84 -24.17 -7.72
N ARG B 153 20.03 -23.14 -7.90
CA ARG B 153 19.72 -22.21 -6.82
C ARG B 153 18.26 -21.79 -6.96
N PHE B 154 17.77 -21.04 -5.98
CA PHE B 154 16.39 -20.57 -5.97
C PHE B 154 16.33 -19.11 -6.37
N VAL B 155 15.39 -18.80 -7.28
CA VAL B 155 15.20 -17.44 -7.77
C VAL B 155 13.81 -16.96 -7.36
N TYR B 156 13.73 -15.68 -7.01
CA TYR B 156 12.48 -15.05 -6.59
C TYR B 156 12.25 -13.89 -7.56
N ARG B 157 11.45 -14.14 -8.59
CA ARG B 157 11.31 -13.22 -9.70
C ARG B 157 9.96 -12.54 -9.66
N LEU B 158 9.95 -11.22 -9.79
CA LEU B 158 8.71 -10.47 -9.89
C LEU B 158 8.90 -9.41 -10.98
N LEU B 159 8.56 -9.77 -12.20
CA LEU B 159 8.76 -8.89 -13.34
C LEU B 159 7.44 -8.21 -13.73
N ARG B 160 7.57 -7.04 -14.36
CA ARG B 160 6.42 -6.25 -14.82
C ARG B 160 5.37 -6.05 -13.73
N SER B 161 5.84 -5.86 -12.50
CA SER B 161 4.93 -5.50 -11.42
C SER B 161 4.41 -4.08 -11.66
N PRO B 162 3.10 -3.86 -11.61
CA PRO B 162 2.56 -2.52 -11.90
C PRO B 162 3.15 -1.50 -10.94
N MET B 163 3.79 -0.47 -11.50
CA MET B 163 4.31 0.60 -10.67
C MET B 163 3.16 1.29 -9.95
N CYS B 164 3.29 1.42 -8.63
CA CYS B 164 2.22 2.00 -7.84
C CYS B 164 1.82 3.35 -8.40
N GLU B 165 0.53 3.64 -8.36
CA GLU B 165 0.01 4.77 -9.12
C GLU B 165 0.37 6.11 -8.52
N TYR B 166 0.74 6.16 -7.24
CA TYR B 166 1.24 7.42 -6.71
C TYR B 166 2.50 7.85 -7.44
N LEU B 167 3.42 6.92 -7.66
CA LEU B 167 4.67 7.25 -8.33
C LEU B 167 4.48 7.52 -9.81
N VAL B 168 3.40 7.03 -10.42
CA VAL B 168 3.18 7.29 -11.83
C VAL B 168 2.85 8.76 -12.06
N ASN B 169 1.93 9.30 -11.25
CA ASN B 169 1.61 10.72 -11.36
C ASN B 169 2.80 11.59 -10.97
N PHE B 170 3.54 11.18 -9.93
CA PHE B 170 4.72 11.91 -9.51
C PHE B 170 5.74 11.99 -10.64
N LEU B 171 6.02 10.85 -11.29
CA LEU B 171 6.99 10.83 -12.38
C LEU B 171 6.57 11.72 -13.53
N HIS B 172 5.27 11.73 -13.85
CA HIS B 172 4.79 12.60 -14.92
CA HIS B 172 4.78 12.60 -14.92
C HIS B 172 5.02 14.07 -14.57
N LYS B 173 4.66 14.47 -13.35
CA LYS B 173 4.88 15.85 -12.92
C LYS B 173 6.37 16.16 -12.82
N LEU B 174 7.15 15.18 -12.33
CA LEU B 174 8.59 15.38 -12.20
C LEU B 174 9.26 15.61 -13.54
N ARG B 175 8.80 14.91 -14.58
CA ARG B 175 9.42 15.03 -15.89
C ARG B 175 9.26 16.44 -16.47
N GLN B 176 8.18 17.14 -16.09
CA GLN B 176 7.90 18.43 -16.69
C GLN B 176 8.87 19.52 -16.24
N LEU B 177 9.49 19.34 -15.08
CA LEU B 177 10.23 20.43 -14.45
C LEU B 177 11.34 20.93 -15.39
N PRO B 178 11.55 22.25 -15.46
CA PRO B 178 12.43 22.80 -16.52
C PRO B 178 13.90 22.58 -16.26
N GLU B 179 14.31 22.31 -15.01
CA GLU B 179 15.72 22.26 -14.66
C GLU B 179 16.02 21.00 -13.89
N ARG B 180 17.21 20.43 -14.14
CA ARG B 180 17.62 19.24 -13.42
C ARG B 180 17.77 19.52 -11.93
N TYR B 181 18.24 20.74 -11.57
CA TYR B 181 18.43 21.04 -10.16
C TYR B 181 17.10 21.16 -9.44
N MET B 182 16.03 21.56 -10.15
CA MET B 182 14.71 21.57 -9.53
C MET B 182 14.22 20.16 -9.29
N MET B 183 14.50 19.23 -10.21
CA MET B 183 14.16 17.83 -10.01
C MET B 183 14.86 17.26 -8.78
N ASN B 184 16.16 17.53 -8.64
CA ASN B 184 16.89 17.06 -7.47
C ASN B 184 16.29 17.61 -6.19
N SER B 185 15.94 18.91 -6.19
CA SER B 185 15.32 19.51 -5.03
C SER B 185 14.06 18.75 -4.63
N VAL B 186 13.23 18.37 -5.60
CA VAL B 186 12.02 17.60 -5.29
C VAL B 186 12.38 16.20 -4.83
N LEU B 187 13.34 15.55 -5.51
CA LEU B 187 13.68 14.17 -5.18
C LEU B 187 14.48 14.05 -3.88
N GLU B 188 15.06 15.14 -3.40
CA GLU B 188 15.76 15.12 -2.12
C GLU B 188 14.86 14.63 -0.99
N ASN B 189 13.55 14.79 -1.13
CA ASN B 189 12.56 14.45 -0.11
C ASN B 189 11.91 13.10 -0.35
N PHE B 190 12.46 12.30 -1.26
CA PHE B 190 11.82 11.09 -1.77
C PHE B 190 12.71 9.91 -1.44
N THR B 191 12.20 8.99 -0.61
CA THR B 191 12.96 7.81 -0.21
C THR B 191 12.09 6.57 -0.31
N ILE B 192 12.72 5.42 -0.46
CA ILE B 192 12.04 4.15 -0.47
C ILE B 192 12.74 3.22 0.52
N LEU B 193 11.97 2.45 1.26
CA LEU B 193 12.49 1.49 2.23
C LEU B 193 11.92 0.12 1.87
N GLN B 194 12.81 -0.82 1.54
CA GLN B 194 12.43 -2.13 1.01
C GLN B 194 12.84 -3.20 2.01
N VAL B 195 11.85 -3.91 2.56
CA VAL B 195 12.08 -4.87 3.64
C VAL B 195 11.69 -6.26 3.14
N VAL B 196 12.65 -7.18 3.15
CA VAL B 196 12.42 -8.57 2.74
C VAL B 196 12.60 -9.45 3.97
N THR B 197 11.57 -10.22 4.28
CA THR B 197 11.60 -11.11 5.43
C THR B 197 11.23 -12.51 5.01
N ASN B 198 11.78 -13.49 5.72
CA ASN B 198 11.32 -14.87 5.57
C ASN B 198 9.90 -14.96 6.11
N ARG B 199 8.94 -15.26 5.22
CA ARG B 199 7.54 -15.25 5.63
C ARG B 199 7.28 -16.30 6.71
N ASP B 200 7.94 -17.45 6.62
CA ASP B 200 7.63 -18.56 7.53
C ASP B 200 8.27 -18.40 8.89
N THR B 201 9.27 -17.52 9.04
CA THR B 201 9.95 -17.36 10.32
C THR B 201 9.97 -15.94 10.84
N GLN B 202 9.50 -14.96 10.06
CA GLN B 202 9.56 -13.53 10.37
C GLN B 202 10.99 -13.00 10.42
N GLU B 203 11.99 -13.83 10.12
CA GLU B 203 13.37 -13.36 10.05
C GLU B 203 13.52 -12.30 8.98
N LEU B 204 14.07 -11.15 9.37
CA LEU B 204 14.48 -10.15 8.40
C LEU B 204 15.64 -10.67 7.58
N LEU B 205 15.48 -10.69 6.26
CA LEU B 205 16.56 -11.14 5.39
C LEU B 205 17.32 -9.99 4.75
N LEU B 206 16.62 -8.92 4.40
CA LEU B 206 17.24 -7.81 3.69
C LEU B 206 16.41 -6.56 3.93
N CYS B 207 17.07 -5.47 4.27
CA CYS B 207 16.41 -4.16 4.37
C CYS B 207 17.28 -3.15 3.66
N THR B 208 16.74 -2.54 2.60
CA THR B 208 17.49 -1.59 1.79
C THR B 208 16.80 -0.23 1.84
N ALA B 209 17.59 0.79 2.12
CA ALA B 209 17.14 2.18 2.04
C ALA B 209 17.61 2.76 0.71
N TYR B 210 16.73 3.49 0.05
CA TYR B 210 17.03 4.09 -1.25
C TYR B 210 16.88 5.60 -1.17
N VAL B 211 17.86 6.33 -1.68
CA VAL B 211 17.79 7.78 -1.81
C VAL B 211 18.09 8.14 -3.27
N PHE B 212 17.65 9.33 -3.69
CA PHE B 212 17.52 9.62 -5.12
C PHE B 212 18.06 10.99 -5.49
N GLU B 213 18.66 11.05 -6.68
CA GLU B 213 18.93 12.28 -7.39
C GLU B 213 18.62 12.05 -8.87
N VAL B 214 18.79 13.09 -9.68
CA VAL B 214 18.60 13.01 -11.13
C VAL B 214 19.95 13.09 -11.82
N SER B 215 20.14 12.25 -12.84
CA SER B 215 21.32 12.29 -13.68
C SER B 215 21.04 13.10 -14.94
N THR B 216 22.09 13.32 -15.74
CA THR B 216 21.94 13.99 -17.01
C THR B 216 21.60 12.97 -18.11
N SER B 217 21.33 13.50 -19.30
CA SER B 217 20.90 12.64 -20.41
C SER B 217 22.03 11.69 -20.84
N GLU B 218 23.24 12.22 -21.00
CA GLU B 218 24.34 11.41 -21.51
C GLU B 218 25.06 10.64 -20.41
N ARG B 219 24.88 11.02 -19.13
CA ARG B 219 25.48 10.23 -18.07
C ARG B 219 24.71 8.94 -17.82
N GLY B 220 23.40 8.94 -18.06
CA GLY B 220 22.58 7.76 -17.85
C GLY B 220 22.41 7.47 -16.38
N ALA B 221 21.54 6.48 -16.10
CA ALA B 221 21.26 6.10 -14.73
C ALA B 221 22.47 5.42 -14.10
N GLN B 222 22.63 5.63 -12.79
CA GLN B 222 23.75 5.06 -12.05
C GLN B 222 23.31 4.81 -10.62
N HIS B 223 24.06 3.97 -9.92
CA HIS B 223 23.77 3.67 -8.53
C HIS B 223 25.07 3.38 -7.80
N HIS B 224 25.00 3.47 -6.48
CA HIS B 224 26.12 3.13 -5.62
CA HIS B 224 26.13 3.21 -5.59
C HIS B 224 25.57 2.53 -4.35
N ILE B 225 26.07 1.33 -4.04
CA ILE B 225 25.55 0.53 -2.94
C ILE B 225 26.47 0.66 -1.74
N TYR B 226 25.89 0.72 -0.54
CA TYR B 226 26.68 0.87 0.67
C TYR B 226 26.13 -0.04 1.76
N ARG B 227 26.98 -0.36 2.72
CA ARG B 227 26.55 -1.05 3.92
C ARG B 227 26.17 -0.03 4.99
N LEU B 228 25.11 -0.33 5.73
CA LEU B 228 24.69 0.51 6.85
C LEU B 228 25.33 -0.01 8.13
N VAL B 229 26.09 0.86 8.80
CA VAL B 229 26.79 0.53 10.03
C VAL B 229 26.45 1.59 11.08
N ARG B 230 26.79 1.28 12.33
CA ARG B 230 26.57 2.23 13.42
C ARG B 230 27.66 2.10 14.48
N1 KUI C . -6.83 0.32 6.08
C7 KUI C . -7.17 1.66 8.00
C8 KUI C . -6.31 0.92 7.24
N2 KUI C . -8.99 1.21 6.49
C9 KUI C . -9.51 2.59 8.35
O1 KUI C . -9.78 -1.09 2.86
C1 KUI C . -11.83 0.46 3.62
C5 KUI C . -8.15 0.48 5.74
C6 KUI C . -8.54 1.79 7.58
C4 KUI C . -7.10 -0.83 4.30
C3 KUI C . -8.35 -0.24 4.57
C2 KUI C . -9.60 -0.34 3.79
N KUI C . -6.16 -0.50 5.19
C KUI C . -12.67 1.47 4.29
O KUI C . -10.53 0.51 4.25
C10 KUI C . -10.80 2.79 7.90
C11 KUI C . -11.68 3.61 8.58
C12 KUI C . -11.29 4.25 9.74
C13 KUI C . -10.00 4.05 10.22
C14 KUI C . -9.11 3.23 9.54
C15 KUI C . -12.24 5.17 10.48
F KUI C . -12.63 4.67 11.65
F1 KUI C . -11.71 6.37 10.73
F2 KUI C . -13.34 5.39 9.79
O2 KUI C . -5.00 0.70 7.44
N1 KUI D . 7.86 0.19 -6.49
C7 KUI D . 7.82 2.14 -7.83
C8 KUI D . 7.16 1.07 -7.31
N2 KUI D . 9.86 1.46 -6.73
C9 KUI D . 9.98 3.42 -8.09
O1 KUI D . 11.29 -1.81 -4.17
C1 KUI D . 13.16 0.06 -4.59
C5 KUI D . 9.19 0.42 -6.22
C6 KUI D . 9.21 2.31 -7.51
C4 KUI D . 8.48 -1.46 -5.27
C3 KUI D . 9.62 -0.65 -5.42
C2 KUI D . 10.97 -0.86 -4.83
N KUI D . 7.42 -0.98 -5.90
C KUI D . 13.93 1.22 -5.08
O KUI D . 11.81 0.13 -5.13
C10 KUI D . 11.32 3.60 -7.75
C11 KUI D . 12.06 4.64 -8.31
C12 KUI D . 11.48 5.52 -9.21
C13 KUI D . 10.14 5.34 -9.54
C14 KUI D . 9.41 4.31 -8.99
C15 KUI D . 12.26 6.64 -9.81
F KUI D . 12.40 7.67 -8.98
F1 KUI D . 13.50 6.29 -10.15
F2 KUI D . 11.70 7.13 -10.91
O2 KUI D . 5.88 0.74 -7.48
#